data_6Z1L
#
_entry.id   6Z1L
#
_cell.length_a   70.967
_cell.length_b   70.967
_cell.length_c   118.768
_cell.angle_alpha   90.000
_cell.angle_beta   90.000
_cell.angle_gamma   120.000
#
_symmetry.space_group_name_H-M   'P 31 2 1'
#
loop_
_entity.id
_entity.type
_entity.pdbx_description
1 polymer 'BH32.12 protein'
2 non-polymer 'PHOSPHATE ION'
3 non-polymer 1,2-ETHANEDIOL
4 water water
#
_entity_poly.entity_id   1
_entity_poly.type   'polypeptide(L)'
_entity_poly.pdbx_seq_one_letter_code
;MIRAVFFDSWGTLISVEGAYKVHFKIMEEVLGDYPLNPKTLLDEYEKLAREAFSNNAGKPYRPLRDILEEVMRKLAEKYG
FKYPENLWEISLRMAQRYGELYPEVVEVLKSLKGKYHVGVILNRDTEPSTAFLDALGIKDLFDSITTSEEAGFSKPHPRI
FELALKKAGVKGEKAVCVGPNPVKDAGGSKNLGMTSILLDRKGEKREFWDKADFIVSDLREVIKIVDELNGQGSLEHHHH
HH
;
_entity_poly.pdbx_strand_id   A
#
loop_
_chem_comp.id
_chem_comp.type
_chem_comp.name
_chem_comp.formula
EDO non-polymer 1,2-ETHANEDIOL 'C2 H6 O2'
PO4 non-polymer 'PHOSPHATE ION' 'O4 P -3'
#
# COMPACT_ATOMS: atom_id res chain seq x y z
N MET A 1 3.50 25.47 7.99
CA MET A 1 2.25 24.91 8.47
C MET A 1 1.95 23.59 7.77
N ILE A 2 1.59 22.55 8.53
CA ILE A 2 1.18 21.29 7.94
C ILE A 2 -0.31 21.36 7.64
N ARG A 3 -0.65 21.17 6.37
CA ARG A 3 -2.03 21.18 5.90
C ARG A 3 -2.54 19.85 5.37
N ALA A 4 -1.67 18.88 5.11
CA ALA A 4 -2.07 17.65 4.43
C ALA A 4 -1.34 16.48 5.04
N VAL A 5 -2.05 15.37 5.17
CA VAL A 5 -1.53 14.15 5.75
C VAL A 5 -1.77 13.03 4.74
N PHE A 6 -0.70 12.42 4.26
CA PHE A 6 -0.81 11.35 3.30
C PHE A 6 -0.37 10.03 3.90
N PHE A 7 -1.06 8.98 3.52
CA PHE A 7 -0.75 7.67 4.06
C PHE A 7 -0.33 6.88 2.84
N ASP A 8 0.75 6.13 2.99
CA ASP A 8 1.51 5.66 1.85
C ASP A 8 1.60 4.15 1.93
N SER A 9 1.11 3.48 0.88
CA SER A 9 1.05 2.02 0.73
C SER A 9 -0.04 1.36 1.58
N TRP A 10 -0.62 0.29 1.03
CA TRP A 10 -1.53 -0.56 1.79
C TRP A 10 -0.91 -0.98 3.10
N GLY A 11 0.39 -1.27 3.07
CA GLY A 11 1.25 -1.51 4.20
C GLY A 11 1.06 -0.65 5.44
N THR A 12 0.25 0.39 5.32
CA THR A 12 0.03 1.30 6.42
C THR A 12 -1.39 1.22 6.96
N LEU A 13 -2.33 0.83 6.12
CA LEU A 13 -3.70 0.56 6.51
C LEU A 13 -4.01 -0.87 6.89
N ILE A 14 -3.36 -1.84 6.26
CA ILE A 14 -3.73 -3.25 6.36
C ILE A 14 -2.74 -4.04 7.21
N SER A 15 -3.27 -4.77 8.19
CA SER A 15 -2.47 -5.47 9.16
C SER A 15 -1.58 -6.49 8.44
N VAL A 16 -0.47 -6.85 9.10
CA VAL A 16 0.34 -7.92 8.52
C VAL A 16 -0.42 -9.23 8.51
N GLU A 17 -1.22 -9.48 9.55
CA GLU A 17 -1.99 -10.71 9.59
C GLU A 17 -3.05 -10.74 8.51
N GLY A 18 -3.72 -9.61 8.26
CA GLY A 18 -4.70 -9.57 7.19
C GLY A 18 -4.11 -9.74 5.80
N ALA A 19 -2.94 -9.15 5.56
CA ALA A 19 -2.33 -9.28 4.23
C ALA A 19 -1.92 -10.73 3.98
N TYR A 20 -1.26 -11.35 4.96
CA TYR A 20 -0.84 -12.74 4.78
C TYR A 20 -2.04 -13.64 4.55
N LYS A 21 -3.08 -13.49 5.37
CA LYS A 21 -4.25 -14.35 5.22
C LYS A 21 -4.89 -14.17 3.84
N VAL A 22 -5.10 -12.93 3.42
CA VAL A 22 -5.62 -12.67 2.07
C VAL A 22 -4.80 -13.45 1.06
N HIS A 23 -3.48 -13.27 1.08
CA HIS A 23 -2.63 -13.99 0.15
C HIS A 23 -2.73 -15.50 0.34
N PHE A 24 -2.68 -15.95 1.60
CA PHE A 24 -2.76 -17.38 1.84
C PHE A 24 -4.03 -17.97 1.24
N LYS A 25 -5.16 -17.30 1.49
CA LYS A 25 -6.45 -17.76 0.98
C LYS A 25 -6.51 -17.74 -0.54
N ILE A 26 -5.89 -16.74 -1.18
CA ILE A 26 -5.79 -16.76 -2.64
C ILE A 26 -5.08 -18.02 -3.11
N MET A 27 -3.93 -18.33 -2.50
CA MET A 27 -3.19 -19.54 -2.89
C MET A 27 -4.00 -20.81 -2.67
N GLU A 28 -4.72 -20.93 -1.54
CA GLU A 28 -5.53 -22.15 -1.36
C GLU A 28 -6.57 -22.31 -2.45
N GLU A 29 -7.22 -21.20 -2.83
CA GLU A 29 -8.29 -21.30 -3.82
C GLU A 29 -7.70 -21.71 -5.17
N VAL A 30 -6.56 -21.12 -5.52
CA VAL A 30 -5.90 -21.46 -6.77
C VAL A 30 -5.55 -22.94 -6.80
N LEU A 31 -5.06 -23.49 -5.68
CA LEU A 31 -4.55 -24.85 -5.69
C LEU A 31 -5.66 -25.90 -5.67
N GLY A 32 -6.78 -25.61 -5.01
CA GLY A 32 -7.78 -26.67 -4.92
C GLY A 32 -7.21 -27.89 -4.23
N ASP A 33 -7.44 -29.05 -4.84
CA ASP A 33 -6.92 -30.31 -4.33
C ASP A 33 -5.50 -30.60 -4.75
N TYR A 34 -4.84 -29.70 -5.44
CA TYR A 34 -3.50 -29.99 -5.93
C TYR A 34 -2.57 -30.22 -4.74
N PRO A 35 -1.71 -31.22 -4.76
CA PRO A 35 -1.00 -31.63 -3.55
C PRO A 35 0.25 -30.80 -3.27
N LEU A 36 0.12 -29.48 -3.38
CA LEU A 36 1.15 -28.53 -2.99
C LEU A 36 0.73 -27.74 -1.76
N ASN A 37 1.66 -27.55 -0.83
CA ASN A 37 1.40 -26.75 0.36
C ASN A 37 1.14 -25.30 -0.02
N PRO A 38 0.00 -24.73 0.35
CA PRO A 38 -0.29 -23.36 -0.06
C PRO A 38 0.74 -22.37 0.45
N LYS A 39 1.34 -22.61 1.61
CA LYS A 39 2.35 -21.69 2.12
C LYS A 39 3.60 -21.69 1.27
N THR A 40 3.95 -22.83 0.66
CA THR A 40 5.06 -22.88 -0.25
C THR A 40 4.78 -22.09 -1.53
N LEU A 41 3.60 -22.28 -2.12
CA LEU A 41 3.23 -21.44 -3.25
C LEU A 41 3.24 -19.96 -2.87
N LEU A 42 2.70 -19.62 -1.70
CA LEU A 42 2.69 -18.22 -1.30
C LEU A 42 4.10 -17.65 -1.20
N ASP A 43 5.00 -18.41 -0.58
CA ASP A 43 6.35 -17.90 -0.37
C ASP A 43 7.09 -17.70 -1.70
N GLU A 44 6.91 -18.63 -2.64
CA GLU A 44 7.50 -18.47 -3.96
C GLU A 44 6.89 -17.27 -4.70
N TYR A 45 5.58 -17.09 -4.56
CA TYR A 45 4.92 -15.94 -5.17
C TYR A 45 5.51 -14.63 -4.64
N GLU A 46 5.71 -14.53 -3.33
CA GLU A 46 6.15 -13.24 -2.80
C GLU A 46 7.55 -12.90 -3.28
N LYS A 47 8.40 -13.93 -3.42
CA LYS A 47 9.71 -13.73 -4.01
C LYS A 47 9.64 -13.20 -5.45
N LEU A 48 8.91 -13.89 -6.31
CA LEU A 48 8.80 -13.47 -7.71
C LEU A 48 8.11 -12.11 -7.83
N ALA A 49 7.11 -11.85 -6.99
CA ALA A 49 6.44 -10.56 -7.05
C ALA A 49 7.40 -9.44 -6.68
N ARG A 50 8.03 -9.54 -5.50
N ARG A 50 8.02 -9.54 -5.50
CA ARG A 50 8.99 -8.53 -5.09
CA ARG A 50 9.04 -8.59 -5.07
C ARG A 50 10.05 -8.32 -6.15
C ARG A 50 9.99 -8.29 -6.21
N GLU A 51 10.36 -9.35 -6.94
CA GLU A 51 11.34 -9.22 -8.00
C GLU A 51 10.77 -8.49 -9.21
N ALA A 52 9.51 -8.76 -9.56
CA ALA A 52 8.89 -7.96 -10.61
C ALA A 52 8.74 -6.50 -10.20
N PHE A 53 8.31 -6.24 -8.98
CA PHE A 53 8.15 -4.88 -8.50
C PHE A 53 9.44 -4.08 -8.60
N SER A 54 10.56 -4.67 -8.20
CA SER A 54 11.80 -3.91 -8.26
C SER A 54 12.19 -3.64 -9.70
N ASN A 55 11.92 -4.60 -10.60
CA ASN A 55 12.28 -4.42 -11.99
C ASN A 55 11.45 -3.32 -12.65
N ASN A 56 10.32 -2.94 -12.05
CA ASN A 56 9.48 -1.88 -12.58
C ASN A 56 9.51 -0.61 -11.73
N ALA A 57 10.22 -0.61 -10.62
CA ALA A 57 10.27 0.55 -9.74
C ALA A 57 10.89 1.74 -10.46
N GLY A 58 10.23 2.91 -10.36
CA GLY A 58 10.68 4.13 -10.98
C GLY A 58 10.47 4.22 -12.48
N LYS A 59 9.88 3.21 -13.07
CA LYS A 59 9.73 3.04 -14.51
C LYS A 59 8.33 3.48 -14.89
N PRO A 60 8.02 3.59 -16.18
CA PRO A 60 6.63 3.86 -16.54
C PRO A 60 5.77 2.78 -15.92
N TYR A 61 4.59 3.19 -15.48
CA TYR A 61 3.70 2.32 -14.75
C TYR A 61 3.33 1.12 -15.61
N ARG A 62 3.21 -0.04 -14.99
CA ARG A 62 2.70 -1.18 -15.70
C ARG A 62 1.71 -1.81 -14.74
N PRO A 63 0.56 -2.24 -15.27
CA PRO A 63 -0.51 -2.74 -14.40
C PRO A 63 -0.10 -3.92 -13.54
N LEU A 64 -0.56 -3.87 -12.28
CA LEU A 64 -0.21 -4.92 -11.33
C LEU A 64 -0.88 -6.21 -11.74
N ARG A 65 -2.06 -6.12 -12.36
CA ARG A 65 -2.70 -7.31 -12.90
C ARG A 65 -1.78 -8.05 -13.85
N ASP A 66 -1.11 -7.32 -14.75
CA ASP A 66 -0.23 -7.99 -15.69
C ASP A 66 0.95 -8.65 -15.01
N ILE A 67 1.53 -7.97 -14.01
CA ILE A 67 2.64 -8.54 -13.28
C ILE A 67 2.20 -9.75 -12.47
N LEU A 68 1.06 -9.66 -11.79
CA LEU A 68 0.57 -10.81 -11.04
C LEU A 68 0.33 -12.00 -11.97
N GLU A 69 -0.36 -11.78 -13.09
CA GLU A 69 -0.65 -12.88 -13.98
C GLU A 69 0.63 -13.52 -14.52
N GLU A 70 1.65 -12.70 -14.79
CA GLU A 70 2.92 -13.21 -15.29
C GLU A 70 3.59 -14.11 -14.25
N VAL A 71 3.62 -13.65 -13.00
CA VAL A 71 4.16 -14.45 -11.91
C VAL A 71 3.46 -15.79 -11.83
N MET A 72 2.13 -15.78 -11.79
CA MET A 72 1.39 -17.02 -11.60
C MET A 72 1.60 -18.00 -12.75
N ARG A 73 1.74 -17.51 -13.99
CA ARG A 73 2.08 -18.43 -15.07
C ARG A 73 3.42 -19.12 -14.81
N LYS A 74 4.42 -18.37 -14.33
CA LYS A 74 5.69 -19.00 -13.95
C LYS A 74 5.47 -20.02 -12.85
N LEU A 75 4.63 -19.68 -11.87
CA LEU A 75 4.40 -20.58 -10.75
C LEU A 75 3.66 -21.81 -11.22
N ALA A 76 2.63 -21.63 -12.06
CA ALA A 76 1.88 -22.77 -12.58
C ALA A 76 2.82 -23.68 -13.38
N GLU A 77 3.70 -23.08 -14.17
CA GLU A 77 4.65 -23.87 -14.94
C GLU A 77 5.63 -24.61 -14.03
N LYS A 78 6.13 -23.93 -12.99
CA LYS A 78 7.07 -24.54 -12.07
C LYS A 78 6.47 -25.75 -11.36
N TYR A 79 5.24 -25.63 -10.86
CA TYR A 79 4.72 -26.66 -9.96
C TYR A 79 3.78 -27.65 -10.63
N GLY A 80 3.29 -27.35 -11.84
CA GLY A 80 2.50 -28.30 -12.60
C GLY A 80 1.00 -28.23 -12.45
N PHE A 81 0.48 -27.27 -11.70
CA PHE A 81 -0.96 -27.07 -11.60
C PHE A 81 -1.47 -26.21 -12.75
N LYS A 82 -2.77 -26.32 -13.03
CA LYS A 82 -3.35 -25.58 -14.14
C LYS A 82 -3.36 -24.10 -13.79
N TYR A 83 -3.01 -23.27 -14.77
CA TYR A 83 -3.05 -21.84 -14.54
C TYR A 83 -4.48 -21.37 -14.26
N PRO A 84 -4.71 -20.62 -13.19
CA PRO A 84 -6.07 -20.28 -12.78
C PRO A 84 -6.65 -19.18 -13.66
N GLU A 85 -7.82 -19.44 -14.24
CA GLU A 85 -8.57 -18.40 -14.91
C GLU A 85 -9.12 -17.39 -13.90
N ASN A 86 -9.28 -16.15 -14.33
CA ASN A 86 -9.96 -15.15 -13.49
C ASN A 86 -9.24 -14.97 -12.16
N LEU A 87 -7.91 -15.03 -12.19
CA LEU A 87 -7.13 -14.86 -10.98
C LEU A 87 -7.41 -13.52 -10.34
N TRP A 88 -7.61 -12.49 -11.16
CA TRP A 88 -7.83 -11.16 -10.62
C TRP A 88 -9.12 -11.12 -9.80
N GLU A 89 -10.16 -11.78 -10.28
CA GLU A 89 -11.44 -11.84 -9.57
C GLU A 89 -11.32 -12.62 -8.26
N ILE A 90 -10.60 -13.75 -8.27
CA ILE A 90 -10.30 -14.46 -7.03
C ILE A 90 -9.65 -13.53 -6.01
N SER A 91 -8.64 -12.78 -6.44
CA SER A 91 -7.89 -11.94 -5.52
C SER A 91 -8.78 -10.87 -4.92
N LEU A 92 -9.63 -10.26 -5.74
CA LEU A 92 -10.51 -9.22 -5.22
C LEU A 92 -11.46 -9.80 -4.19
N ARG A 93 -12.06 -10.95 -4.50
N ARG A 93 -12.08 -10.94 -4.52
CA ARG A 93 -12.98 -11.58 -3.56
CA ARG A 93 -12.97 -11.61 -3.57
C ARG A 93 -12.29 -11.91 -2.23
C ARG A 93 -12.27 -11.87 -2.24
N MET A 94 -11.03 -12.33 -2.29
CA MET A 94 -10.34 -12.71 -1.07
C MET A 94 -9.93 -11.46 -0.27
N ALA A 95 -9.55 -10.39 -0.97
CA ALA A 95 -9.23 -9.16 -0.26
C ALA A 95 -10.45 -8.62 0.46
N GLN A 96 -11.65 -8.80 -0.11
CA GLN A 96 -12.81 -8.23 0.58
C GLN A 96 -13.27 -9.07 1.75
N ARG A 97 -13.09 -10.39 1.65
CA ARG A 97 -13.49 -11.29 2.72
C ARG A 97 -12.56 -11.19 3.92
N TYR A 98 -11.25 -11.22 3.65
CA TYR A 98 -10.26 -11.38 4.70
C TYR A 98 -9.41 -10.14 4.96
N GLY A 99 -9.50 -9.10 4.16
CA GLY A 99 -8.68 -7.93 4.41
C GLY A 99 -9.09 -7.26 5.71
N GLU A 100 -8.14 -6.61 6.35
CA GLU A 100 -8.43 -6.06 7.65
C GLU A 100 -7.56 -4.82 7.82
N LEU A 101 -8.09 -3.84 8.54
CA LEU A 101 -7.35 -2.64 8.90
C LEU A 101 -6.63 -2.79 10.22
N TYR A 102 -5.55 -2.04 10.37
CA TYR A 102 -5.01 -1.93 11.70
C TYR A 102 -6.09 -1.26 12.55
N PRO A 103 -6.13 -1.53 13.86
CA PRO A 103 -7.32 -1.18 14.63
C PRO A 103 -7.54 0.32 14.76
N GLU A 104 -6.50 1.14 14.67
CA GLU A 104 -6.64 2.58 14.86
C GLU A 104 -6.95 3.34 13.58
N VAL A 105 -7.05 2.67 12.44
CA VAL A 105 -7.07 3.39 11.17
C VAL A 105 -8.31 4.27 11.08
N VAL A 106 -9.48 3.69 11.35
CA VAL A 106 -10.72 4.45 11.17
C VAL A 106 -10.71 5.67 12.09
N GLU A 107 -10.34 5.47 13.35
CA GLU A 107 -10.25 6.55 14.32
C GLU A 107 -9.30 7.65 13.84
N VAL A 108 -8.13 7.26 13.34
CA VAL A 108 -7.14 8.25 12.91
C VAL A 108 -7.67 9.07 11.73
N LEU A 109 -8.24 8.40 10.73
CA LEU A 109 -8.70 9.15 9.57
C LEU A 109 -9.83 10.09 9.95
N LYS A 110 -10.76 9.65 10.80
CA LYS A 110 -11.81 10.56 11.24
C LYS A 110 -11.26 11.74 12.02
N SER A 111 -10.19 11.51 12.80
CA SER A 111 -9.63 12.58 13.61
C SER A 111 -9.01 13.66 12.74
N LEU A 112 -8.58 13.30 11.53
CA LEU A 112 -7.93 14.33 10.73
C LEU A 112 -8.95 15.14 9.98
N LYS A 113 -10.17 14.60 9.80
CA LYS A 113 -11.01 15.06 8.72
C LYS A 113 -11.28 16.54 8.96
N GLY A 114 -11.78 17.22 7.94
CA GLY A 114 -12.00 18.65 7.99
C GLY A 114 -10.95 19.53 8.63
N LYS A 115 -9.77 18.98 8.97
CA LYS A 115 -8.74 19.73 9.67
C LYS A 115 -7.47 19.74 8.83
N TYR A 116 -7.24 18.67 8.08
CA TYR A 116 -6.14 18.48 7.17
C TYR A 116 -6.70 17.81 5.93
N HIS A 117 -6.10 18.04 4.77
CA HIS A 117 -6.36 17.15 3.65
C HIS A 117 -5.84 15.77 4.00
N VAL A 118 -6.68 14.76 3.87
CA VAL A 118 -6.29 13.39 4.20
C VAL A 118 -6.24 12.62 2.90
N GLY A 119 -5.06 12.10 2.56
CA GLY A 119 -4.88 11.39 1.32
C GLY A 119 -4.18 10.06 1.54
N VAL A 120 -4.42 9.16 0.60
CA VAL A 120 -3.73 7.88 0.55
C VAL A 120 -3.01 7.81 -0.79
N ILE A 121 -1.84 7.19 -0.79
CA ILE A 121 -1.02 7.04 -1.98
C ILE A 121 -0.70 5.56 -2.16
N LEU A 122 -0.88 5.04 -3.37
CA LEU A 122 -0.81 3.61 -3.61
C LEU A 122 -0.15 3.29 -4.95
N ASN A 123 0.84 2.40 -4.93
CA ASN A 123 1.46 1.78 -6.10
C ASN A 123 0.59 0.66 -6.68
N ARG A 124 -0.71 0.87 -6.76
CA ARG A 124 -1.70 -0.09 -7.22
C ARG A 124 -2.55 0.46 -8.35
N ASP A 125 -3.12 -0.42 -9.15
CA ASP A 125 -4.06 0.08 -10.14
C ASP A 125 -5.22 0.78 -9.44
N THR A 126 -5.78 1.77 -10.13
CA THR A 126 -6.76 2.68 -9.51
C THR A 126 -8.04 1.94 -9.10
N GLU A 127 -8.64 1.22 -10.04
CA GLU A 127 -9.95 0.59 -9.82
C GLU A 127 -9.98 -0.44 -8.70
N PRO A 128 -9.05 -1.39 -8.63
CA PRO A 128 -9.10 -2.36 -7.54
C PRO A 128 -8.88 -1.70 -6.20
N SER A 129 -7.77 -0.99 -6.07
CA SER A 129 -7.51 -0.20 -4.88
C SER A 129 -8.75 0.55 -4.41
N THR A 130 -9.46 1.21 -5.32
CA THR A 130 -10.58 2.01 -4.87
C THR A 130 -11.73 1.13 -4.39
N ALA A 131 -11.97 0.02 -5.09
CA ALA A 131 -12.99 -0.93 -4.67
C ALA A 131 -12.61 -1.58 -3.33
N PHE A 132 -11.32 -1.84 -3.14
CA PHE A 132 -10.85 -2.41 -1.88
C PHE A 132 -11.09 -1.43 -0.74
N LEU A 133 -10.75 -0.15 -0.94
CA LEU A 133 -11.03 0.84 0.10
C LEU A 133 -12.52 0.96 0.35
N ASP A 134 -13.34 0.78 -0.68
CA ASP A 134 -14.78 0.81 -0.47
C ASP A 134 -15.23 -0.40 0.34
N ALA A 135 -14.65 -1.56 0.06
CA ALA A 135 -14.98 -2.77 0.78
C ALA A 135 -14.62 -2.63 2.26
N LEU A 136 -13.51 -1.96 2.55
CA LEU A 136 -13.11 -1.78 3.93
C LEU A 136 -13.81 -0.59 4.58
N GLY A 137 -14.71 0.08 3.86
CA GLY A 137 -15.56 1.10 4.43
C GLY A 137 -14.90 2.43 4.70
N ILE A 138 -13.77 2.73 4.09
CA ILE A 138 -13.05 3.95 4.38
C ILE A 138 -12.82 4.82 3.15
N LYS A 139 -13.38 4.45 2.00
CA LYS A 139 -13.09 5.22 0.81
C LYS A 139 -13.42 6.70 0.98
N ASP A 140 -14.54 7.01 1.61
CA ASP A 140 -14.99 8.38 1.79
C ASP A 140 -14.34 9.10 2.98
N LEU A 141 -13.45 8.42 3.72
CA LEU A 141 -12.67 9.10 4.74
C LEU A 141 -11.44 9.80 4.19
N PHE A 142 -11.17 9.66 2.90
CA PHE A 142 -10.03 10.28 2.26
C PHE A 142 -10.51 11.48 1.44
N ASP A 143 -9.76 12.55 1.51
CA ASP A 143 -9.95 13.65 0.57
C ASP A 143 -9.36 13.33 -0.79
N SER A 144 -8.33 12.48 -0.83
CA SER A 144 -7.77 12.14 -2.12
C SER A 144 -7.28 10.71 -2.08
N ILE A 145 -7.30 10.09 -3.25
CA ILE A 145 -6.74 8.78 -3.48
C ILE A 145 -5.90 8.90 -4.74
N THR A 146 -4.60 8.70 -4.61
CA THR A 146 -3.68 8.91 -5.70
C THR A 146 -2.92 7.63 -6.00
N THR A 147 -2.84 7.24 -7.27
CA THR A 147 -2.25 5.94 -7.57
C THR A 147 -1.13 6.10 -8.59
N SER A 148 -0.28 5.08 -8.65
CA SER A 148 0.75 5.05 -9.69
C SER A 148 0.12 5.05 -11.07
N GLU A 149 -1.04 4.43 -11.22
CA GLU A 149 -1.71 4.39 -12.52
C GLU A 149 -2.13 5.79 -12.95
N GLU A 150 -2.61 6.59 -12.01
CA GLU A 150 -2.96 7.98 -12.31
C GLU A 150 -1.73 8.75 -12.73
N ALA A 151 -0.62 8.60 -11.98
CA ALA A 151 0.54 9.44 -12.22
C ALA A 151 1.32 8.97 -13.46
N GLY A 152 1.26 7.69 -13.80
CA GLY A 152 2.02 7.15 -14.92
C GLY A 152 3.35 6.53 -14.59
N PHE A 153 3.74 6.47 -13.32
CA PHE A 153 5.05 5.99 -12.92
C PHE A 153 4.92 5.32 -11.56
N SER A 154 5.55 4.15 -11.41
CA SER A 154 5.54 3.48 -10.12
C SER A 154 6.62 4.05 -9.20
N LYS A 155 6.37 3.94 -7.89
CA LYS A 155 7.35 4.40 -6.90
C LYS A 155 8.72 3.81 -7.21
N PRO A 156 9.80 4.55 -6.91
CA PRO A 156 9.82 5.83 -6.19
C PRO A 156 9.81 7.07 -7.06
N HIS A 157 9.26 7.00 -8.26
CA HIS A 157 9.25 8.18 -9.11
C HIS A 157 8.52 9.33 -8.41
N PRO A 158 9.05 10.55 -8.50
CA PRO A 158 8.43 11.70 -7.81
C PRO A 158 7.04 12.05 -8.27
N ARG A 159 6.66 11.67 -9.49
CA ARG A 159 5.43 12.17 -10.07
C ARG A 159 4.21 11.79 -9.25
N ILE A 160 4.21 10.62 -8.62
CA ILE A 160 3.02 10.25 -7.86
C ILE A 160 2.83 11.20 -6.66
N PHE A 161 3.93 11.61 -6.01
CA PHE A 161 3.81 12.58 -4.92
C PHE A 161 3.46 13.98 -5.44
N GLU A 162 3.99 14.35 -6.61
CA GLU A 162 3.62 15.65 -7.15
C GLU A 162 2.12 15.71 -7.39
N LEU A 163 1.55 14.61 -7.90
CA LEU A 163 0.12 14.57 -8.17
C LEU A 163 -0.68 14.63 -6.88
N ALA A 164 -0.26 13.85 -5.87
CA ALA A 164 -0.97 13.88 -4.59
C ALA A 164 -0.98 15.28 -4.01
N LEU A 165 0.16 15.97 -4.08
CA LEU A 165 0.25 17.33 -3.57
C LEU A 165 -0.63 18.27 -4.36
N LYS A 166 -0.68 18.09 -5.70
CA LYS A 166 -1.53 18.94 -6.51
C LYS A 166 -2.99 18.75 -6.12
N LYS A 167 -3.40 17.50 -5.86
CA LYS A 167 -4.76 17.26 -5.38
C LYS A 167 -5.03 17.98 -4.07
N ALA A 168 -4.06 18.01 -3.18
CA ALA A 168 -4.22 18.76 -1.93
C ALA A 168 -4.07 20.25 -2.15
N GLY A 169 -3.48 20.67 -3.27
CA GLY A 169 -3.30 22.08 -3.59
C GLY A 169 -2.24 22.78 -2.77
N VAL A 170 -1.20 22.07 -2.34
CA VAL A 170 -0.15 22.63 -1.50
C VAL A 170 1.19 22.05 -1.94
N LYS A 171 2.25 22.80 -1.65
CA LYS A 171 3.63 22.35 -1.85
C LYS A 171 4.02 21.32 -0.79
N GLY A 172 5.08 20.56 -1.09
CA GLY A 172 5.51 19.49 -0.18
C GLY A 172 5.81 19.94 1.23
N GLU A 173 6.32 21.16 1.42
CA GLU A 173 6.67 21.59 2.77
C GLU A 173 5.45 21.68 3.68
N LYS A 174 4.25 21.69 3.12
CA LYS A 174 3.03 21.74 3.91
C LYS A 174 2.43 20.35 4.16
N ALA A 175 3.17 19.26 3.92
CA ALA A 175 2.56 17.94 4.03
C ALA A 175 3.47 16.99 4.80
N VAL A 176 2.84 16.05 5.50
CA VAL A 176 3.53 14.90 6.10
C VAL A 176 3.11 13.67 5.32
N CYS A 177 4.04 12.72 5.19
CA CYS A 177 3.79 11.43 4.53
C CYS A 177 4.08 10.31 5.51
N VAL A 178 3.10 9.43 5.73
CA VAL A 178 3.23 8.35 6.71
C VAL A 178 3.33 7.05 5.93
N GLY A 179 4.41 6.31 6.14
CA GLY A 179 4.57 5.02 5.48
C GLY A 179 5.58 4.15 6.19
N PRO A 180 5.59 2.85 5.87
CA PRO A 180 6.66 1.97 6.36
C PRO A 180 7.90 1.94 5.48
N ASN A 181 7.87 2.70 4.38
CA ASN A 181 8.91 2.69 3.36
C ASN A 181 9.96 3.74 3.68
N PRO A 182 11.19 3.35 4.03
CA PRO A 182 12.22 4.36 4.24
C PRO A 182 12.55 5.07 2.94
N VAL A 183 12.72 6.38 3.03
CA VAL A 183 12.97 7.22 1.85
C VAL A 183 14.48 7.37 1.59
N SER A 189 11.20 12.00 -3.64
CA SER A 189 10.15 12.35 -2.68
C SER A 189 10.65 13.32 -1.62
N LYS A 190 11.88 13.11 -1.16
CA LYS A 190 12.48 14.01 -0.17
C LYS A 190 12.71 15.36 -0.81
N ASN A 191 13.06 15.34 -2.10
CA ASN A 191 13.29 16.54 -2.89
C ASN A 191 12.06 17.45 -2.90
N LEU A 192 10.85 16.90 -2.79
CA LEU A 192 9.69 17.77 -2.83
C LEU A 192 9.37 18.46 -1.51
N GLY A 193 10.14 18.25 -0.45
CA GLY A 193 9.91 18.97 0.79
C GLY A 193 8.97 18.35 1.82
N MET A 194 8.41 17.17 1.58
CA MET A 194 7.49 16.64 2.56
C MET A 194 8.22 16.19 3.82
N THR A 195 7.50 16.21 4.94
CA THR A 195 8.00 15.69 6.19
C THR A 195 7.69 14.20 6.25
N SER A 196 8.71 13.38 6.46
CA SER A 196 8.55 11.93 6.38
C SER A 196 8.35 11.34 7.77
N ILE A 197 7.35 10.48 7.91
CA ILE A 197 7.10 9.76 9.14
C ILE A 197 7.18 8.27 8.83
N LEU A 198 8.14 7.58 9.43
CA LEU A 198 8.31 6.14 9.21
C LEU A 198 7.45 5.41 10.23
N LEU A 199 6.56 4.56 9.74
CA LEU A 199 5.75 3.74 10.62
C LEU A 199 6.49 2.42 10.78
N ASP A 200 6.96 2.16 12.00
CA ASP A 200 7.71 0.95 12.36
C ASP A 200 6.95 0.29 13.52
N ARG A 201 5.95 -0.51 13.17
CA ARG A 201 5.06 -1.03 14.20
C ARG A 201 5.79 -1.92 15.20
N LYS A 202 6.83 -2.63 14.76
CA LYS A 202 7.53 -3.59 15.59
C LYS A 202 8.93 -3.14 15.96
N GLY A 203 9.32 -1.92 15.60
CA GLY A 203 10.66 -1.44 15.92
C GLY A 203 11.71 -2.29 15.24
N GLU A 204 11.43 -2.73 14.01
CA GLU A 204 12.28 -3.65 13.29
C GLU A 204 13.06 -2.99 12.17
N LYS A 205 12.95 -1.66 12.02
CA LYS A 205 13.59 -0.92 10.95
C LYS A 205 14.54 0.16 11.47
N ARG A 206 15.11 -0.05 12.65
CA ARG A 206 15.88 1.00 13.30
C ARG A 206 16.98 1.51 12.39
N GLU A 207 17.53 0.65 11.52
CA GLU A 207 18.65 1.07 10.68
C GLU A 207 18.22 2.05 9.61
N PHE A 208 16.92 2.35 9.49
CA PHE A 208 16.47 3.38 8.58
C PHE A 208 15.88 4.56 9.33
N TRP A 209 15.87 4.54 10.67
CA TRP A 209 15.22 5.63 11.38
C TRP A 209 15.89 6.98 11.14
N ASP A 210 17.22 6.99 10.96
CA ASP A 210 17.85 8.29 10.75
C ASP A 210 17.57 8.86 9.36
N LYS A 211 16.94 8.07 8.51
CA LYS A 211 16.53 8.46 7.17
C LYS A 211 15.17 9.13 7.16
N ALA A 212 14.55 9.27 8.33
CA ALA A 212 13.20 9.79 8.43
C ALA A 212 13.16 10.90 9.47
N ASP A 213 12.19 11.80 9.29
CA ASP A 213 12.02 12.92 10.22
C ASP A 213 11.38 12.48 11.53
N PHE A 214 10.47 11.51 11.50
CA PHE A 214 9.85 10.97 12.70
C PHE A 214 9.63 9.49 12.55
N ILE A 215 9.67 8.78 13.67
CA ILE A 215 9.36 7.36 13.72
C ILE A 215 8.15 7.19 14.61
N VAL A 216 7.18 6.39 14.17
CA VAL A 216 6.04 6.07 15.01
C VAL A 216 5.77 4.58 14.96
N SER A 217 5.15 4.06 16.03
CA SER A 217 4.68 2.67 16.08
C SER A 217 3.17 2.56 15.95
N ASP A 218 2.46 3.69 15.94
CA ASP A 218 1.00 3.70 15.96
C ASP A 218 0.52 4.95 15.25
N LEU A 219 -0.50 4.81 14.41
CA LEU A 219 -0.93 5.97 13.62
C LEU A 219 -1.56 7.07 14.47
N ARG A 220 -1.97 6.75 15.70
CA ARG A 220 -2.54 7.79 16.55
C ARG A 220 -1.50 8.82 16.97
N GLU A 221 -0.21 8.50 16.79
CA GLU A 221 0.83 9.48 17.09
C GLU A 221 0.95 10.52 15.99
N VAL A 222 0.39 10.24 14.81
CA VAL A 222 0.54 11.16 13.69
C VAL A 222 -0.11 12.50 14.01
N ILE A 223 -1.33 12.49 14.55
CA ILE A 223 -2.00 13.77 14.77
C ILE A 223 -1.28 14.57 15.85
N LYS A 224 -0.61 13.90 16.78
CA LYS A 224 0.17 14.62 17.79
C LYS A 224 1.38 15.30 17.17
N ILE A 225 2.02 14.64 16.20
CA ILE A 225 3.17 15.22 15.53
C ILE A 225 2.71 16.42 14.70
N VAL A 226 1.59 16.27 14.01
CA VAL A 226 1.07 17.36 13.20
C VAL A 226 0.70 18.57 14.06
N ASP A 227 0.05 18.33 15.22
CA ASP A 227 -0.29 19.46 16.09
C ASP A 227 0.94 20.19 16.59
N GLU A 228 1.97 19.44 16.99
CA GLU A 228 3.20 20.07 17.44
C GLU A 228 3.86 20.88 16.32
N LEU A 229 3.84 20.36 15.09
CA LEU A 229 4.39 21.12 13.97
C LEU A 229 3.60 22.39 13.74
N ASN A 230 2.32 22.42 14.12
CA ASN A 230 1.46 23.57 13.89
C ASN A 230 1.31 24.47 15.11
N GLY A 231 1.98 24.14 16.22
CA GLY A 231 1.99 25.00 17.40
C GLY A 231 0.82 24.79 18.35
P PO4 B . 1.59 -0.16 -2.32
O1 PO4 B . 1.14 1.29 -2.35
O2 PO4 B . 3.08 -0.23 -2.07
O3 PO4 B . 1.25 -0.80 -3.65
O4 PO4 B . 0.85 -0.86 -1.21
C1 EDO C . -2.29 -6.65 -0.34
O1 EDO C . -1.21 -6.06 0.41
C2 EDO C . -3.61 -6.12 0.19
O2 EDO C . -4.10 -5.12 -0.70
H11 EDO C . -2.25 -7.74 -0.24
H12 EDO C . -2.18 -6.41 -1.40
HO1 EDO C . -0.37 -6.45 0.13
H21 EDO C . -3.47 -5.69 1.19
H22 EDO C . -4.34 -6.93 0.28
HO2 EDO C . -4.44 -4.36 -0.18
#